data_5BTU
#
_entry.id   5BTU
#
_cell.length_a   47.379
_cell.length_b   47.379
_cell.length_c   131.209
_cell.angle_alpha   90.00
_cell.angle_beta   90.00
_cell.angle_gamma   120.00
#
_symmetry.space_group_name_H-M   'P 32'
#
loop_
_entity.id
_entity.type
_entity.pdbx_description
1 polymer PyrI4
2 non-polymer GLYCEROL
3 non-polymer DI(HYDROXYETHYL)ETHER
4 water water
#
_entity_poly.entity_id   1
_entity_poly.type   'polypeptide(L)'
_entity_poly.pdbx_seq_one_letter_code
;(MSE)TTPQIDERA(MSE)EAGAAALQETIVDPGPLDVTALAVAAALAAGLHSAADDPAAALDKCIVLDELTEFAEKLVV
HDRPGGIGTTVEYVEVYEDASGVRLGTATGNAVVLK(MSE)EPH(MSE)WQFHQSVSELADGSFEAVGVIDCTA(MSE)L
RR(MSE)TQVLRVTGRSGRYAGKSGF(MSE)TLAISDPNQRPPHYSVQVVLC
;
_entity_poly.pdbx_strand_id   A,B
#
# COMPACT_ATOMS: atom_id res chain seq x y z
N VAL A 23 -19.92 -5.59 -5.69
CA VAL A 23 -18.90 -6.45 -5.13
C VAL A 23 -18.11 -7.09 -6.27
N ASP A 24 -17.15 -6.34 -6.79
CA ASP A 24 -16.45 -6.65 -8.04
C ASP A 24 -14.94 -6.76 -7.82
N PRO A 25 -14.34 -7.89 -8.42
CA PRO A 25 -12.96 -8.12 -7.98
C PRO A 25 -11.83 -7.13 -8.28
N GLY A 26 -11.69 -6.57 -9.47
CA GLY A 26 -10.55 -5.69 -9.72
C GLY A 26 -9.15 -6.24 -9.45
N PRO A 27 -8.81 -7.42 -10.11
CA PRO A 27 -7.44 -7.89 -9.86
C PRO A 27 -6.32 -7.23 -10.62
N LEU A 28 -5.10 -7.55 -10.22
CA LEU A 28 -3.89 -7.02 -10.79
C LEU A 28 -3.00 -8.14 -11.27
N ASP A 29 -2.62 -8.13 -12.54
CA ASP A 29 -1.81 -9.19 -13.12
C ASP A 29 -0.34 -9.04 -12.84
N VAL A 30 0.43 -10.04 -13.17
CA VAL A 30 1.84 -10.05 -12.79
C VAL A 30 2.64 -9.01 -13.52
N THR A 31 2.44 -8.90 -14.82
CA THR A 31 3.08 -7.87 -15.62
C THR A 31 2.88 -6.48 -15.03
N ALA A 32 1.63 -6.10 -14.81
CA ALA A 32 1.30 -4.82 -14.15
C ALA A 32 2.03 -4.65 -12.82
N LEU A 33 2.06 -5.72 -12.02
CA LEU A 33 2.67 -5.66 -10.70
C LEU A 33 4.17 -5.55 -10.91
N ALA A 34 4.68 -6.26 -11.91
CA ALA A 34 6.11 -6.24 -12.19
C ALA A 34 6.62 -4.85 -12.62
N VAL A 35 5.80 -4.14 -13.38
CA VAL A 35 6.14 -2.78 -13.79
C VAL A 35 6.20 -1.85 -12.59
N ALA A 36 5.22 -1.97 -11.69
CA ALA A 36 5.19 -1.11 -10.51
C ALA A 36 6.38 -1.40 -9.65
N ALA A 37 6.75 -2.67 -9.54
CA ALA A 37 7.93 -2.97 -8.75
C ALA A 37 9.14 -2.33 -9.42
N ALA A 38 9.21 -2.40 -10.74
CA ALA A 38 10.35 -1.85 -11.49
C ALA A 38 10.39 -0.33 -11.40
N LEU A 39 9.24 0.31 -11.50
CA LEU A 39 9.18 1.75 -11.30
C LEU A 39 9.62 2.12 -9.87
N ALA A 40 8.96 1.59 -8.84
CA ALA A 40 9.34 1.90 -7.43
C ALA A 40 10.81 1.62 -7.21
N ALA A 41 11.35 0.68 -7.97
CA ALA A 41 12.74 0.31 -7.83
C ALA A 41 13.64 1.41 -8.41
N GLY A 42 13.26 1.97 -9.56
CA GLY A 42 14.00 3.09 -10.14
C GLY A 42 14.09 3.05 -11.65
N LEU A 43 13.73 1.92 -12.25
CA LEU A 43 13.81 1.76 -13.68
C LEU A 43 12.59 2.42 -14.32
N HIS A 44 12.83 3.50 -15.08
CA HIS A 44 11.74 4.14 -15.83
C HIS A 44 11.62 3.45 -17.18
N SER A 45 12.58 2.57 -17.48
CA SER A 45 12.50 1.70 -18.65
C SER A 45 11.26 0.80 -18.60
N ALA A 46 10.69 0.66 -17.41
CA ALA A 46 9.61 -0.29 -17.14
C ALA A 46 8.28 0.03 -17.82
N ALA A 47 7.79 1.25 -17.66
CA ALA A 47 6.52 1.65 -18.24
C ALA A 47 6.57 1.49 -19.75
N ASP A 48 7.73 1.80 -20.31
CA ASP A 48 7.94 1.69 -21.75
C ASP A 48 7.88 0.23 -22.17
N ASP A 49 8.72 -0.62 -21.56
CA ASP A 49 8.87 -2.01 -21.98
C ASP A 49 8.39 -3.02 -20.93
N PRO A 50 7.06 -3.27 -20.86
CA PRO A 50 6.49 -4.24 -19.92
C PRO A 50 7.30 -5.55 -19.86
N ALA A 51 7.56 -6.12 -21.04
CA ALA A 51 8.25 -7.40 -21.16
C ALA A 51 9.63 -7.35 -20.54
N ALA A 52 10.32 -6.23 -20.73
CA ALA A 52 11.68 -6.13 -20.27
C ALA A 52 11.75 -6.15 -18.74
N ALA A 53 10.68 -5.74 -18.06
CA ALA A 53 10.69 -5.69 -16.59
C ALA A 53 10.79 -7.08 -16.01
N LEU A 54 9.87 -7.96 -16.41
CA LEU A 54 9.77 -9.32 -15.87
C LEU A 54 11.10 -10.08 -15.87
N ASP A 55 11.76 -10.17 -17.03
CA ASP A 55 12.95 -11.00 -17.16
C ASP A 55 14.06 -10.58 -16.20
N LYS A 56 14.12 -9.28 -15.95
CA LYS A 56 15.05 -8.72 -14.99
C LYS A 56 14.55 -8.95 -13.55
N CYS A 57 13.23 -8.92 -13.36
CA CYS A 57 12.64 -9.03 -12.02
C CYS A 57 12.38 -10.45 -11.55
N ILE A 58 12.26 -10.59 -10.24
CA ILE A 58 11.91 -11.87 -9.64
C ILE A 58 10.42 -11.90 -9.51
N VAL A 59 9.84 -12.95 -10.06
CA VAL A 59 8.40 -13.08 -10.13
C VAL A 59 8.00 -14.38 -9.45
N LEU A 60 6.98 -14.31 -8.59
CA LEU A 60 6.36 -15.48 -8.00
C LEU A 60 4.87 -15.48 -8.23
N ASP A 61 4.39 -16.29 -9.14
CA ASP A 61 2.98 -16.33 -9.50
C ASP A 61 2.28 -17.56 -8.89
N GLU A 62 0.95 -17.54 -8.95
CA GLU A 62 0.17 -18.73 -8.70
C GLU A 62 0.53 -19.40 -7.35
N LEU A 63 0.62 -18.56 -6.34
CA LEU A 63 0.79 -19.03 -4.99
C LEU A 63 -0.53 -18.96 -4.26
N THR A 64 -0.73 -19.91 -3.36
CA THR A 64 -1.76 -19.80 -2.34
C THR A 64 -1.14 -19.74 -0.96
N GLU A 65 -1.75 -18.95 -0.09
CA GLU A 65 -1.25 -18.74 1.23
C GLU A 65 -2.40 -19.07 2.18
N PHE A 66 -2.12 -19.85 3.23
CA PHE A 66 -3.10 -20.00 4.31
C PHE A 66 -2.47 -20.16 5.67
N ALA A 67 -3.28 -19.88 6.69
CA ALA A 67 -2.85 -20.01 8.09
C ALA A 67 -2.52 -21.47 8.43
N GLU A 68 -1.28 -21.75 8.80
CA GLU A 68 -0.98 -22.99 9.44
C GLU A 68 -1.18 -22.89 10.97
N LYS A 69 -0.84 -21.74 11.58
CA LYS A 69 -0.96 -21.47 13.02
C LYS A 69 -1.21 -19.94 13.28
N LEU A 70 -2.25 -19.62 14.06
CA LEU A 70 -2.63 -18.27 14.48
C LEU A 70 -2.72 -18.11 15.96
N VAL A 71 -2.00 -17.16 16.53
CA VAL A 71 -2.11 -16.84 17.93
C VAL A 71 -2.67 -15.44 18.14
N VAL A 72 -3.92 -15.35 18.57
CA VAL A 72 -4.57 -14.07 18.74
C VAL A 72 -4.45 -13.62 20.19
N HIS A 73 -3.99 -12.38 20.35
CA HIS A 73 -4.00 -11.67 21.63
C HIS A 73 -5.02 -10.54 21.55
N ASP A 74 -6.28 -10.84 21.87
CA ASP A 74 -7.34 -9.85 21.81
C ASP A 74 -7.19 -8.70 22.74
N ARG A 75 -7.97 -7.68 22.47
CA ARG A 75 -7.91 -6.46 23.22
C ARG A 75 -9.35 -6.03 23.21
N PRO A 76 -9.78 -5.29 24.24
CA PRO A 76 -11.19 -4.91 24.21
C PRO A 76 -11.62 -4.12 22.95
N GLY A 77 -12.72 -4.59 22.37
CA GLY A 77 -13.30 -3.99 21.19
C GLY A 77 -12.53 -4.18 19.87
N GLY A 78 -11.37 -4.83 19.92
CA GLY A 78 -10.70 -5.24 18.70
C GLY A 78 -9.48 -4.44 18.36
N ILE A 79 -9.50 -3.14 18.59
CA ILE A 79 -8.38 -2.28 18.26
C ILE A 79 -7.16 -2.52 19.18
N GLY A 80 -6.06 -2.93 18.57
CA GLY A 80 -4.86 -3.30 19.31
C GLY A 80 -4.71 -4.80 19.31
N THR A 81 -5.78 -5.50 18.93
CA THR A 81 -5.71 -6.95 18.86
C THR A 81 -4.56 -7.35 17.98
N THR A 82 -3.77 -8.28 18.50
CA THR A 82 -2.58 -8.72 17.81
C THR A 82 -2.65 -10.17 17.43
N VAL A 83 -2.14 -10.49 16.24
CA VAL A 83 -2.17 -11.85 15.74
C VAL A 83 -0.78 -12.20 15.32
N GLU A 84 -0.27 -13.29 15.89
CA GLU A 84 1.00 -13.83 15.43
C GLU A 84 0.64 -14.97 14.56
N TYR A 85 1.27 -15.07 13.39
CA TYR A 85 0.86 -16.11 12.44
C TYR A 85 2.02 -16.79 11.77
N VAL A 86 1.74 -17.99 11.28
CA VAL A 86 2.64 -18.70 10.38
C VAL A 86 1.81 -19.19 9.27
N GLU A 87 2.20 -18.79 8.09
CA GLU A 87 1.45 -19.08 6.90
C GLU A 87 2.33 -19.85 6.00
N VAL A 88 1.69 -20.54 5.10
CA VAL A 88 2.35 -21.45 4.25
C VAL A 88 2.01 -20.99 2.81
N TYR A 89 3.03 -20.97 1.93
CA TYR A 89 2.89 -20.79 0.50
C TYR A 89 2.84 -22.10 -0.28
N GLU A 90 1.73 -22.33 -0.97
CA GLU A 90 1.59 -23.51 -1.85
C GLU A 90 1.57 -23.09 -3.31
N ASP A 91 2.29 -23.81 -4.16
CA ASP A 91 2.19 -23.53 -5.59
C ASP A 91 0.90 -24.16 -6.04
N ALA A 92 0.81 -24.29 -7.36
CA ALA A 92 -0.38 -24.73 -8.05
C ALA A 92 -0.65 -26.24 -7.98
N SER A 93 0.29 -27.01 -7.44
CA SER A 93 0.05 -28.41 -7.13
C SER A 93 -0.50 -28.59 -5.73
N GLY A 94 -0.23 -27.61 -4.87
CA GLY A 94 -0.49 -27.71 -3.44
C GLY A 94 0.72 -28.32 -2.72
N VAL A 95 1.91 -27.97 -3.19
CA VAL A 95 3.17 -28.39 -2.61
C VAL A 95 3.76 -27.18 -1.98
N ARG A 96 4.22 -27.26 -0.75
CA ARG A 96 4.71 -26.08 -0.08
C ARG A 96 5.95 -25.48 -0.77
N LEU A 97 6.02 -24.15 -0.80
CA LEU A 97 7.17 -23.44 -1.35
C LEU A 97 7.90 -22.65 -0.29
N GLY A 98 7.17 -22.24 0.74
CA GLY A 98 7.79 -21.49 1.80
C GLY A 98 6.79 -21.14 2.86
N THR A 99 7.23 -20.34 3.80
CA THR A 99 6.37 -19.93 4.86
C THR A 99 6.57 -18.46 5.02
N ALA A 100 5.54 -17.84 5.58
CA ALA A 100 5.59 -16.46 6.01
C ALA A 100 5.26 -16.44 7.49
N THR A 101 5.94 -15.56 8.22
CA THR A 101 5.90 -15.58 9.68
C THR A 101 5.78 -14.14 10.14
N GLY A 102 4.77 -13.80 10.93
CA GLY A 102 4.75 -12.43 11.39
C GLY A 102 3.59 -12.04 12.19
N ASN A 103 3.40 -10.73 12.30
CA ASN A 103 2.38 -10.12 13.16
C ASN A 103 1.36 -9.30 12.36
N ALA A 104 0.19 -9.10 12.95
CA ALA A 104 -0.82 -8.28 12.35
C ALA A 104 -1.44 -7.52 13.50
N VAL A 105 -1.70 -6.23 13.33
CA VAL A 105 -2.27 -5.43 14.40
C VAL A 105 -3.55 -4.79 13.88
N VAL A 106 -4.61 -4.75 14.70
CA VAL A 106 -5.90 -4.28 14.20
C VAL A 106 -5.98 -2.82 14.49
N LEU A 107 -6.31 -2.01 13.49
CA LEU A 107 -6.19 -0.56 13.64
C LEU A 107 -7.54 0.12 13.72
N LYS A 108 -8.48 -0.51 13.04
CA LYS A 108 -9.87 -0.11 12.97
C LYS A 108 -10.61 -1.41 12.82
N GLU A 110 -14.52 -0.83 12.39
CA GLU A 110 -15.77 -0.44 11.77
C GLU A 110 -15.66 0.90 11.02
N PRO A 111 -16.39 1.06 9.90
CA PRO A 111 -17.21 0.05 9.24
C PRO A 111 -16.38 -0.87 8.38
N HIS A 112 -15.08 -0.59 8.25
CA HIS A 112 -14.16 -1.55 7.64
C HIS A 112 -13.11 -1.94 8.66
N TRP A 114 -9.34 -2.88 9.40
CA TRP A 114 -8.03 -2.60 8.88
C TRP A 114 -6.98 -3.23 9.75
N GLN A 115 -5.93 -3.71 9.08
CA GLN A 115 -4.73 -4.19 9.75
C GLN A 115 -3.43 -3.75 9.16
N PHE A 116 -2.52 -3.52 10.09
CA PHE A 116 -1.10 -3.56 9.88
C PHE A 116 -0.44 -4.96 9.87
N HIS A 117 0.36 -5.26 8.84
CA HIS A 117 0.99 -6.54 8.62
C HIS A 117 2.44 -6.35 8.43
N GLN A 118 3.20 -7.24 9.06
CA GLN A 118 4.61 -7.39 8.82
C GLN A 118 4.97 -8.86 8.90
N SER A 119 5.65 -9.34 7.87
CA SER A 119 6.07 -10.73 7.82
C SER A 119 7.43 -10.84 7.18
N VAL A 120 8.04 -11.99 7.38
CA VAL A 120 9.24 -12.39 6.69
C VAL A 120 8.81 -13.69 6.10
N SER A 121 9.11 -13.86 4.82
CA SER A 121 8.75 -15.03 4.07
C SER A 121 10.07 -15.73 3.73
N GLU A 122 10.14 -17.02 4.04
CA GLU A 122 11.35 -17.78 3.75
C GLU A 122 11.02 -18.77 2.69
N LEU A 123 11.79 -18.72 1.61
CA LEU A 123 11.72 -19.71 0.55
C LEU A 123 12.98 -20.57 0.56
N ALA A 124 13.05 -21.53 -0.34
CA ALA A 124 14.31 -22.19 -0.60
C ALA A 124 15.39 -21.17 -0.99
N ASP A 125 15.09 -20.38 -2.02
CA ASP A 125 16.05 -19.47 -2.66
C ASP A 125 16.58 -18.46 -1.64
N GLY A 126 15.70 -17.96 -0.77
CA GLY A 126 16.07 -16.93 0.19
C GLY A 126 14.87 -16.40 0.98
N SER A 127 14.98 -15.18 1.45
CA SER A 127 13.88 -14.58 2.16
C SER A 127 13.66 -13.11 1.82
N PHE A 128 12.39 -12.70 1.89
CA PHE A 128 12.02 -11.29 1.88
C PHE A 128 11.00 -10.85 2.97
N GLU A 129 10.97 -9.56 3.21
CA GLU A 129 10.07 -8.96 4.18
C GLU A 129 8.87 -8.27 3.49
N ALA A 130 7.72 -8.18 4.18
CA ALA A 130 6.50 -7.64 3.63
C ALA A 130 5.87 -6.70 4.64
N VAL A 131 5.53 -5.47 4.25
CA VAL A 131 4.91 -4.50 5.14
C VAL A 131 3.73 -3.84 4.45
N GLY A 132 2.76 -3.41 5.22
CA GLY A 132 1.56 -2.93 4.62
C GLY A 132 0.42 -2.76 5.56
N VAL A 133 -0.61 -2.20 4.96
CA VAL A 133 -1.81 -1.86 5.64
C VAL A 133 -2.92 -2.31 4.73
N ILE A 134 -3.59 -3.35 5.18
CA ILE A 134 -4.55 -4.10 4.42
C ILE A 134 -5.90 -3.67 4.91
N ASP A 135 -6.86 -3.58 4.00
CA ASP A 135 -8.26 -3.46 4.38
C ASP A 135 -8.98 -4.85 4.28
N CYS A 136 -9.23 -5.51 5.42
CA CYS A 136 -9.77 -6.88 5.43
C CYS A 136 -11.14 -6.94 4.85
N THR A 137 -11.99 -6.05 5.32
CA THR A 137 -13.31 -5.94 4.74
C THR A 137 -13.27 -5.90 3.20
N ALA A 138 -12.45 -5.01 2.63
CA ALA A 138 -12.35 -4.90 1.16
C ALA A 138 -11.82 -6.20 0.55
N LEU A 140 -12.56 -9.04 1.32
CA LEU A 140 -13.64 -10.01 1.45
C LEU A 140 -14.70 -9.72 0.44
N ARG A 141 -14.64 -8.51 -0.09
CA ARG A 141 -15.50 -8.15 -1.20
C ARG A 141 -14.71 -8.37 -2.47
N ARG A 142 -13.66 -9.18 -2.38
CA ARG A 142 -12.83 -9.60 -3.51
C ARG A 142 -11.89 -8.50 -4.09
N THR A 144 -8.29 -6.83 -4.41
CA THR A 144 -6.87 -7.09 -4.24
C THR A 144 -6.25 -5.99 -3.39
N GLN A 145 -5.27 -6.39 -2.59
CA GLN A 145 -4.64 -5.49 -1.65
C GLN A 145 -3.16 -5.65 -1.85
N VAL A 146 -2.38 -4.69 -1.38
CA VAL A 146 -0.98 -4.68 -1.71
C VAL A 146 -0.13 -4.38 -0.51
N LEU A 147 1.01 -5.04 -0.47
CA LEU A 147 2.03 -4.74 0.49
C LEU A 147 3.34 -4.46 -0.23
N ARG A 148 4.18 -3.74 0.46
CA ARG A 148 5.51 -3.49 0.06
C ARG A 148 6.39 -4.66 0.44
N VAL A 149 7.19 -5.11 -0.53
CA VAL A 149 8.16 -6.16 -0.33
C VAL A 149 9.63 -5.66 -0.41
N THR A 150 10.50 -6.25 0.39
CA THR A 150 11.93 -5.96 0.38
C THR A 150 12.71 -7.25 0.61
N GLY A 151 13.67 -7.52 -0.25
CA GLY A 151 14.48 -8.71 -0.09
C GLY A 151 15.32 -8.67 1.16
N ARG A 152 15.64 -9.83 1.69
CA ARG A 152 16.35 -9.88 2.95
C ARG A 152 17.56 -10.76 2.84
N SER A 153 17.49 -11.77 1.98
CA SER A 153 18.59 -12.69 1.80
C SER A 153 18.44 -13.48 0.51
N GLY A 154 19.57 -14.02 0.06
CA GLY A 154 19.59 -14.94 -1.06
C GLY A 154 19.26 -14.27 -2.38
N ARG A 155 18.59 -15.03 -3.22
CA ARG A 155 18.23 -14.58 -4.53
C ARG A 155 17.55 -13.21 -4.46
N TYR A 156 16.86 -12.96 -3.34
CA TYR A 156 16.00 -11.77 -3.18
C TYR A 156 16.77 -10.56 -2.67
N ALA A 157 17.97 -10.79 -2.16
CA ALA A 157 18.74 -9.73 -1.51
C ALA A 157 18.90 -8.52 -2.39
N GLY A 158 18.78 -7.37 -1.76
CA GLY A 158 18.90 -6.09 -2.43
C GLY A 158 17.69 -5.73 -3.28
N LYS A 159 16.77 -6.67 -3.47
CA LYS A 159 15.61 -6.43 -4.34
C LYS A 159 14.47 -5.81 -3.54
N SER A 160 13.44 -5.28 -4.21
CA SER A 160 12.29 -4.69 -3.53
C SER A 160 11.16 -4.83 -4.49
N GLY A 161 9.94 -4.54 -4.05
CA GLY A 161 8.81 -5.01 -4.81
C GLY A 161 7.46 -4.72 -4.23
N PHE A 162 6.49 -5.41 -4.80
CA PHE A 162 5.18 -5.49 -4.19
C PHE A 162 4.63 -6.93 -4.14
N THR A 164 0.72 -8.74 -3.95
CA THR A 164 -0.75 -8.66 -3.94
C THR A 164 -1.40 -9.82 -3.17
N LEU A 165 -2.51 -9.53 -2.53
CA LEU A 165 -3.25 -10.50 -1.74
C LEU A 165 -4.69 -10.48 -2.19
N ALA A 166 -5.28 -11.65 -2.44
CA ALA A 166 -6.66 -11.72 -2.91
C ALA A 166 -7.34 -12.94 -2.36
N ILE A 167 -8.54 -12.77 -1.84
CA ILE A 167 -9.31 -13.88 -1.34
C ILE A 167 -10.00 -14.63 -2.43
N SER A 168 -9.67 -15.93 -2.51
CA SER A 168 -10.18 -16.81 -3.56
C SER A 168 -11.69 -16.89 -3.48
N ASP A 169 -12.21 -17.33 -2.34
CA ASP A 169 -13.64 -17.35 -2.08
C ASP A 169 -14.02 -16.93 -0.65
N PRO A 170 -14.66 -15.76 -0.49
CA PRO A 170 -14.96 -15.18 0.83
C PRO A 170 -15.85 -16.02 1.76
N ASN A 171 -16.51 -17.05 1.27
CA ASN A 171 -17.41 -17.83 2.11
C ASN A 171 -16.63 -18.92 2.82
N GLN A 172 -15.52 -19.32 2.21
CA GLN A 172 -14.68 -20.36 2.79
C GLN A 172 -13.88 -19.84 3.97
N ARG A 173 -13.98 -20.58 5.04
CA ARG A 173 -13.15 -20.36 6.21
C ARG A 173 -12.58 -21.75 6.55
N PRO A 174 -11.28 -21.82 6.89
CA PRO A 174 -10.38 -20.69 7.02
C PRO A 174 -10.14 -20.04 5.67
N PRO A 175 -9.83 -18.75 5.63
CA PRO A 175 -9.66 -18.17 4.28
C PRO A 175 -8.40 -18.69 3.59
N HIS A 176 -8.41 -18.71 2.26
CA HIS A 176 -7.21 -18.95 1.45
C HIS A 176 -6.90 -17.68 0.63
N TYR A 177 -5.63 -17.34 0.39
CA TYR A 177 -5.32 -16.14 -0.43
C TYR A 177 -4.53 -16.45 -1.64
N SER A 178 -4.95 -15.93 -2.79
CA SER A 178 -4.06 -15.88 -3.96
C SER A 178 -3.04 -14.79 -3.77
N VAL A 179 -1.82 -15.06 -4.19
CA VAL A 179 -0.71 -14.21 -3.89
C VAL A 179 0.13 -14.11 -5.14
N GLN A 180 0.63 -12.92 -5.41
CA GLN A 180 1.76 -12.75 -6.31
C GLN A 180 2.78 -11.88 -5.59
N VAL A 181 4.05 -12.06 -5.91
CA VAL A 181 5.13 -11.25 -5.37
C VAL A 181 6.03 -10.90 -6.57
N VAL A 182 6.37 -9.63 -6.75
CA VAL A 182 7.44 -9.27 -7.70
C VAL A 182 8.47 -8.41 -6.97
N LEU A 183 9.74 -8.76 -7.11
CA LEU A 183 10.82 -7.91 -6.61
C LEU A 183 11.86 -7.59 -7.65
N CYS A 184 12.28 -6.32 -7.67
CA CYS A 184 13.29 -5.81 -8.62
C CYS A 184 14.48 -5.13 -7.97
N VAL B 23 -20.22 0.37 -3.12
CA VAL B 23 -20.05 1.80 -2.82
C VAL B 23 -20.21 2.11 -1.32
N ASP B 24 -19.22 1.71 -0.50
CA ASP B 24 -19.21 1.98 0.95
C ASP B 24 -17.78 2.12 1.51
N PRO B 25 -17.58 3.08 2.41
CA PRO B 25 -16.25 3.28 2.99
C PRO B 25 -16.16 2.64 4.38
N GLY B 26 -14.97 2.31 4.86
CA GLY B 26 -13.72 2.59 4.20
C GLY B 26 -12.77 3.27 5.13
N PRO B 27 -13.24 4.31 5.84
CA PRO B 27 -12.22 5.20 6.39
C PRO B 27 -11.33 4.64 7.51
N LEU B 28 -10.25 5.36 7.63
CA LEU B 28 -9.16 5.06 8.47
C LEU B 28 -8.79 6.34 9.14
N ASP B 29 -8.91 6.36 10.45
CA ASP B 29 -8.74 7.59 11.19
C ASP B 29 -7.28 7.82 11.47
N VAL B 30 -7.02 8.99 12.00
CA VAL B 30 -5.66 9.45 12.05
C VAL B 30 -4.87 8.77 13.12
N THR B 31 -5.47 8.59 14.29
CA THR B 31 -4.79 7.81 15.30
C THR B 31 -4.43 6.42 14.73
N ALA B 32 -5.41 5.65 14.26
CA ALA B 32 -5.14 4.36 13.65
C ALA B 32 -3.96 4.39 12.64
N LEU B 33 -3.89 5.48 11.86
CA LEU B 33 -2.83 5.65 10.89
C LEU B 33 -1.50 5.88 11.59
N ALA B 34 -1.49 6.68 12.65
CA ALA B 34 -0.25 6.99 13.37
C ALA B 34 0.39 5.75 13.93
N VAL B 35 -0.45 4.82 14.38
CA VAL B 35 0.00 3.54 14.91
C VAL B 35 0.66 2.71 13.82
N ALA B 36 0.04 2.64 12.65
CA ALA B 36 0.64 1.94 11.53
C ALA B 36 1.97 2.58 11.19
N ALA B 37 1.98 3.89 11.17
CA ALA B 37 3.24 4.55 10.96
C ALA B 37 4.24 4.19 12.06
N ALA B 38 3.79 4.18 13.31
CA ALA B 38 4.74 4.01 14.41
C ALA B 38 5.28 2.59 14.36
N LEU B 39 4.37 1.64 14.18
CA LEU B 39 4.73 0.26 13.99
C LEU B 39 5.79 0.10 12.91
N ALA B 40 5.50 0.44 11.68
CA ALA B 40 6.47 0.22 10.63
C ALA B 40 7.74 0.96 10.94
N ALA B 41 7.61 2.14 11.48
CA ALA B 41 8.79 2.89 11.86
C ALA B 41 9.58 2.20 12.94
N GLY B 42 8.89 1.71 13.96
CA GLY B 42 9.61 1.18 15.09
C GLY B 42 8.84 0.44 16.15
N LEU B 43 8.53 1.16 17.21
CA LEU B 43 8.10 0.54 18.44
C LEU B 43 6.82 -0.24 18.28
N HIS B 44 6.75 -1.35 19.02
CA HIS B 44 5.53 -2.13 19.17
C HIS B 44 4.70 -1.60 20.34
N SER B 45 5.24 -0.61 21.04
CA SER B 45 4.49 0.12 22.05
C SER B 45 3.29 0.72 21.36
N ALA B 46 3.48 1.09 20.09
CA ALA B 46 2.49 1.79 19.32
C ALA B 46 1.27 0.94 19.25
N ALA B 47 1.46 -0.36 19.24
CA ALA B 47 0.35 -1.24 18.99
C ALA B 47 -0.69 -1.02 20.05
N ASP B 48 -0.26 -0.93 21.31
CA ASP B 48 -1.19 -0.77 22.41
C ASP B 48 -1.50 0.70 22.58
N ASP B 49 -0.55 1.45 23.13
CA ASP B 49 -0.79 2.82 23.58
C ASP B 49 -0.74 3.86 22.44
N PRO B 50 -1.92 4.28 21.93
CA PRO B 50 -1.89 5.10 20.70
C PRO B 50 -1.50 6.55 20.94
N ALA B 51 -1.99 7.13 22.04
CA ALA B 51 -1.72 8.51 22.40
C ALA B 51 -0.22 8.77 22.30
N ALA B 52 0.57 7.80 22.72
CA ALA B 52 2.03 7.90 22.62
C ALA B 52 2.45 8.12 21.17
N ALA B 53 2.03 7.23 20.26
CA ALA B 53 2.32 7.41 18.83
C ALA B 53 2.03 8.84 18.43
N LEU B 54 0.75 9.22 18.42
CA LEU B 54 0.32 10.57 18.00
C LEU B 54 1.24 11.75 18.39
N ASP B 55 1.68 11.80 19.66
CA ASP B 55 2.43 12.94 20.15
C ASP B 55 3.85 12.94 19.60
N LYS B 56 4.42 11.75 19.50
CA LYS B 56 5.77 11.55 18.99
C LYS B 56 5.87 11.83 17.49
N CYS B 57 4.79 11.55 16.77
CA CYS B 57 4.81 11.51 15.31
C CYS B 57 4.27 12.80 14.73
N ILE B 58 4.52 13.01 13.43
CA ILE B 58 4.02 14.18 12.71
C ILE B 58 2.70 13.87 12.01
N VAL B 59 1.72 14.72 12.22
CA VAL B 59 0.36 14.45 11.79
C VAL B 59 -0.19 15.61 10.98
N LEU B 60 -0.53 15.36 9.72
CA LEU B 60 -1.29 16.29 8.88
C LEU B 60 -2.69 15.74 8.62
N ASP B 61 -3.67 16.47 9.09
CA ASP B 61 -5.05 16.05 9.04
C ASP B 61 -5.83 17.10 8.27
N GLU B 62 -7.11 16.83 8.05
CA GLU B 62 -8.02 17.80 7.43
C GLU B 62 -7.44 18.46 6.17
N LEU B 63 -6.84 17.65 5.31
CA LEU B 63 -6.28 18.13 4.06
C LEU B 63 -7.15 17.80 2.88
N THR B 64 -7.16 18.74 1.97
CA THR B 64 -7.88 18.54 0.74
C THR B 64 -6.87 18.75 -0.35
N GLU B 65 -6.93 17.84 -1.30
CA GLU B 65 -6.00 17.87 -2.42
C GLU B 65 -6.71 17.84 -3.79
N PHE B 66 -6.23 18.70 -4.71
CA PHE B 66 -6.66 18.67 -6.12
C PHE B 66 -5.60 19.20 -7.09
N ALA B 67 -5.75 18.81 -8.34
CA ALA B 67 -4.79 19.17 -9.40
C ALA B 67 -4.86 20.65 -9.79
N GLU B 68 -3.72 21.34 -9.79
CA GLU B 68 -3.60 22.65 -10.35
C GLU B 68 -3.26 22.44 -11.86
N LYS B 69 -2.55 21.36 -12.20
CA LYS B 69 -2.31 21.01 -13.59
C LYS B 69 -1.96 19.54 -13.85
N LEU B 70 -2.45 19.03 -14.97
CA LEU B 70 -2.29 17.65 -15.39
C LEU B 70 -1.88 17.45 -16.82
N VAL B 71 -0.66 16.98 -17.04
CA VAL B 71 -0.17 16.61 -18.37
C VAL B 71 -0.24 15.11 -18.65
N VAL B 72 -1.21 14.69 -19.45
CA VAL B 72 -1.42 13.27 -19.74
C VAL B 72 -0.71 12.86 -21.01
N HIS B 73 0.15 11.85 -20.92
CA HIS B 73 0.78 11.23 -22.06
C HIS B 73 0.18 9.85 -22.35
N ASP B 74 -0.91 9.78 -23.11
CA ASP B 74 -1.57 8.50 -23.43
C ASP B 74 -0.79 7.50 -24.27
N ARG B 75 -1.11 6.22 -24.05
CA ARG B 75 -0.61 5.15 -24.90
C ARG B 75 -1.83 4.34 -25.29
N PRO B 76 -1.78 3.70 -26.47
CA PRO B 76 -2.96 2.99 -26.94
C PRO B 76 -3.48 1.99 -25.93
N GLY B 77 -4.78 2.07 -25.65
CA GLY B 77 -5.43 1.18 -24.70
C GLY B 77 -5.31 1.56 -23.23
N GLY B 78 -4.50 2.56 -22.90
CA GLY B 78 -4.45 3.05 -21.55
C GLY B 78 -3.21 2.62 -20.80
N ILE B 79 -2.82 1.35 -20.94
CA ILE B 79 -1.72 0.75 -20.17
C ILE B 79 -0.39 1.46 -20.50
N GLY B 80 0.23 2.06 -19.48
CA GLY B 80 1.40 2.89 -19.68
C GLY B 80 1.13 4.39 -19.86
N THR B 81 -0.12 4.77 -20.06
CA THR B 81 -0.54 6.16 -19.94
C THR B 81 0.13 6.79 -18.71
N THR B 82 1.04 7.68 -18.98
CA THR B 82 1.74 8.40 -17.95
C THR B 82 1.09 9.75 -17.64
N VAL B 83 1.03 10.11 -16.35
CA VAL B 83 0.46 11.39 -15.98
C VAL B 83 1.50 12.15 -15.20
N GLU B 84 1.70 13.42 -15.48
CA GLU B 84 2.58 14.26 -14.64
C GLU B 84 1.69 15.30 -14.04
N TYR B 85 1.86 15.61 -12.76
CA TYR B 85 0.91 16.48 -12.10
C TYR B 85 1.46 17.41 -11.02
N VAL B 86 0.73 18.48 -10.76
CA VAL B 86 0.98 19.32 -9.61
C VAL B 86 -0.29 19.41 -8.91
N GLU B 87 -0.27 18.92 -7.69
CA GLU B 87 -1.44 18.92 -6.87
C GLU B 87 -1.21 19.94 -5.81
N VAL B 88 -2.29 20.38 -5.23
CA VAL B 88 -2.21 21.41 -4.24
C VAL B 88 -2.91 20.90 -2.98
N TYR B 89 -2.26 21.08 -1.81
CA TYR B 89 -2.86 20.81 -0.50
C TYR B 89 -3.55 22.01 0.13
N GLU B 90 -4.86 21.91 0.32
CA GLU B 90 -5.61 22.95 1.03
C GLU B 90 -5.95 22.44 2.43
N ASP B 91 -6.02 23.35 3.40
CA ASP B 91 -6.54 22.97 4.72
C ASP B 91 -8.05 23.11 4.69
N ALA B 92 -8.58 22.94 5.90
CA ALA B 92 -10.00 23.10 6.18
C ALA B 92 -10.52 24.54 6.02
N SER B 93 -9.61 25.50 5.84
CA SER B 93 -10.00 26.90 5.52
C SER B 93 -9.88 27.24 4.02
N GLY B 94 -9.46 26.26 3.22
CA GLY B 94 -9.25 26.44 1.79
C GLY B 94 -8.05 27.33 1.51
N VAL B 95 -7.03 27.20 2.33
CA VAL B 95 -5.79 27.92 2.19
C VAL B 95 -4.72 26.89 1.82
N ARG B 96 -3.85 27.19 0.88
CA ARG B 96 -2.84 26.23 0.45
C ARG B 96 -1.79 25.95 1.53
N LEU B 97 -1.38 24.69 1.69
CA LEU B 97 -0.26 24.34 2.60
C LEU B 97 0.94 23.87 1.83
N GLY B 98 0.69 23.29 0.68
CA GLY B 98 1.79 22.88 -0.15
C GLY B 98 1.31 22.28 -1.44
N THR B 99 2.26 21.66 -2.07
CA THR B 99 2.08 21.18 -3.39
C THR B 99 2.69 19.83 -3.41
N ALA B 100 2.18 19.04 -4.34
CA ALA B 100 2.71 17.74 -4.59
C ALA B 100 2.94 17.69 -6.10
N THR B 101 4.10 17.16 -6.48
CA THR B 101 4.56 17.18 -7.84
C THR B 101 4.93 15.76 -8.18
N GLY B 102 4.22 15.12 -9.12
CA GLY B 102 4.48 13.70 -9.29
C GLY B 102 4.16 13.15 -10.63
N ASN B 103 4.27 11.82 -10.69
CA ASN B 103 3.79 11.06 -11.82
C ASN B 103 2.91 9.91 -11.47
N ALA B 104 2.18 9.46 -12.48
CA ALA B 104 1.28 8.36 -12.31
C ALA B 104 1.39 7.60 -13.58
N VAL B 105 1.34 6.28 -13.47
CA VAL B 105 1.49 5.42 -14.60
C VAL B 105 0.38 4.41 -14.53
N VAL B 106 -0.39 4.25 -15.62
CA VAL B 106 -1.55 3.36 -15.58
C VAL B 106 -1.07 1.95 -15.78
N LEU B 107 -1.62 1.04 -14.99
CA LEU B 107 -1.10 -0.32 -14.90
C LEU B 107 -2.09 -1.28 -15.48
N LYS B 108 -3.36 -0.98 -15.27
CA LYS B 108 -4.44 -1.84 -15.71
C LYS B 108 -5.65 -0.95 -15.82
N GLU B 110 -9.02 -2.52 -16.67
CA GLU B 110 -10.25 -3.26 -16.47
C GLU B 110 -9.95 -4.61 -15.82
N PRO B 111 -10.83 -5.05 -14.91
CA PRO B 111 -12.07 -4.36 -14.53
C PRO B 111 -11.86 -3.18 -13.60
N HIS B 112 -10.68 -3.04 -13.00
CA HIS B 112 -10.40 -1.84 -12.21
C HIS B 112 -9.22 -1.09 -12.79
N TRP B 114 -5.82 0.68 -12.11
CA TRP B 114 -4.75 0.77 -11.14
C TRP B 114 -3.70 1.73 -11.61
N GLN B 115 -3.11 2.49 -10.67
CA GLN B 115 -1.93 3.27 -10.97
C GLN B 115 -0.84 3.21 -9.93
N PHE B 116 0.38 3.29 -10.45
CA PHE B 116 1.55 3.64 -9.67
C PHE B 116 1.73 5.15 -9.56
N HIS B 117 1.82 5.66 -8.33
CA HIS B 117 2.04 7.07 -8.03
C HIS B 117 3.32 7.25 -7.29
N GLN B 118 4.01 8.33 -7.62
CA GLN B 118 5.24 8.70 -6.94
C GLN B 118 5.27 10.20 -6.91
N SER B 119 5.37 10.83 -5.74
CA SER B 119 5.29 12.27 -5.68
C SER B 119 6.26 12.83 -4.65
N VAL B 120 6.78 14.02 -4.93
CA VAL B 120 7.42 14.82 -3.90
C VAL B 120 6.41 15.85 -3.47
N SER B 121 6.28 16.00 -2.15
CA SER B 121 5.36 16.96 -1.55
C SER B 121 6.17 18.00 -0.77
N GLU B 122 5.86 19.26 -0.99
CA GLU B 122 6.62 20.35 -0.40
C GLU B 122 5.69 21.20 0.39
N LEU B 123 6.01 21.33 1.67
CA LEU B 123 5.33 22.27 2.54
C LEU B 123 6.33 23.33 2.92
N ALA B 124 5.96 24.17 3.86
CA ALA B 124 6.91 25.11 4.40
C ALA B 124 7.93 24.33 5.26
N ASP B 125 7.44 23.46 6.15
CA ASP B 125 8.24 22.72 7.13
C ASP B 125 9.35 21.89 6.52
N GLY B 126 9.11 21.32 5.34
CA GLY B 126 10.03 20.41 4.70
C GLY B 126 9.36 19.67 3.55
N SER B 127 9.99 18.62 3.03
CA SER B 127 9.35 17.82 2.02
C SER B 127 9.44 16.34 2.33
N PHE B 128 8.55 15.56 1.72
CA PHE B 128 8.61 14.12 1.77
C PHE B 128 8.13 13.50 0.45
N GLU B 129 8.51 12.26 0.22
CA GLU B 129 8.10 11.53 -0.95
C GLU B 129 6.91 10.60 -0.63
N ALA B 130 6.13 10.23 -1.63
CA ALA B 130 5.01 9.34 -1.51
C ALA B 130 5.07 8.38 -2.68
N VAL B 131 4.90 7.08 -2.43
CA VAL B 131 4.88 6.02 -3.45
C VAL B 131 3.82 4.90 -3.14
N GLY B 132 3.26 4.35 -4.19
CA GLY B 132 2.31 3.30 -4.01
C GLY B 132 1.58 2.99 -5.29
N VAL B 133 0.58 2.19 -5.05
CA VAL B 133 -0.19 1.56 -6.06
C VAL B 133 -1.63 1.66 -5.59
N ILE B 134 -2.41 2.40 -6.36
CA ILE B 134 -3.74 2.85 -6.07
C ILE B 134 -4.65 2.09 -7.00
N ASP B 135 -5.72 1.54 -6.45
CA ASP B 135 -6.88 1.15 -7.25
C ASP B 135 -7.79 2.41 -7.41
N CYS B 136 -7.74 3.06 -8.58
CA CYS B 136 -8.51 4.31 -8.82
C CYS B 136 -9.99 4.03 -8.78
N THR B 137 -10.36 2.98 -9.50
CA THR B 137 -11.71 2.49 -9.44
C THR B 137 -12.28 2.35 -8.01
N ALA B 138 -11.64 1.55 -7.14
CA ALA B 138 -12.08 1.40 -5.74
C ALA B 138 -12.17 2.75 -5.03
N LEU B 140 -13.26 5.37 -6.24
CA LEU B 140 -14.57 5.88 -6.68
C LEU B 140 -15.74 5.13 -6.05
N ARG B 141 -15.49 3.95 -5.47
CA ARG B 141 -16.51 3.35 -4.59
C ARG B 141 -16.35 3.95 -3.21
N ARG B 142 -15.57 5.01 -3.12
CA ARG B 142 -15.34 5.74 -1.89
C ARG B 142 -14.47 4.92 -0.94
N THR B 144 -10.85 4.05 0.81
CA THR B 144 -9.61 4.72 1.19
C THR B 144 -8.42 3.94 0.66
N GLN B 145 -7.49 4.68 0.05
CA GLN B 145 -6.25 4.14 -0.49
C GLN B 145 -5.08 4.65 0.34
N VAL B 146 -3.98 3.93 0.30
CA VAL B 146 -2.87 4.21 1.16
C VAL B 146 -1.58 4.21 0.38
N LEU B 147 -0.77 5.22 0.59
CA LEU B 147 0.60 5.21 0.09
C LEU B 147 1.62 5.20 1.25
N ARG B 148 2.83 4.79 0.90
CA ARG B 148 3.96 4.82 1.78
C ARG B 148 4.67 6.18 1.65
N VAL B 149 4.95 6.85 2.77
CA VAL B 149 5.54 8.17 2.76
C VAL B 149 6.96 8.15 3.33
N THR B 150 7.83 9.03 2.86
CA THR B 150 9.17 9.13 3.43
C THR B 150 9.64 10.57 3.45
N GLY B 151 10.19 11.04 4.55
CA GLY B 151 10.62 12.43 4.63
C GLY B 151 11.84 12.68 3.77
N ARG B 152 12.12 13.93 3.48
CA ARG B 152 13.22 14.24 2.56
C ARG B 152 13.91 15.51 2.97
N SER B 153 13.17 16.40 3.62
CA SER B 153 13.63 17.75 3.92
C SER B 153 13.01 18.25 5.21
N GLY B 154 13.78 19.02 5.98
CA GLY B 154 13.23 19.78 7.07
C GLY B 154 12.80 18.92 8.23
N ARG B 155 11.63 19.24 8.77
CA ARG B 155 11.24 18.54 9.96
C ARG B 155 10.98 17.06 9.65
N TYR B 156 10.53 16.75 8.44
CA TYR B 156 10.13 15.40 8.05
C TYR B 156 11.32 14.44 7.86
N ALA B 157 12.49 15.02 7.66
CA ALA B 157 13.65 14.27 7.23
C ALA B 157 13.91 13.12 8.17
N GLY B 158 14.25 11.97 7.59
CA GLY B 158 14.50 10.76 8.38
C GLY B 158 13.25 10.05 8.93
N LYS B 159 12.06 10.64 8.79
CA LYS B 159 10.83 10.02 9.25
C LYS B 159 10.13 9.21 8.13
N SER B 160 9.07 8.47 8.45
CA SER B 160 8.46 7.56 7.49
C SER B 160 7.06 7.33 7.90
N GLY B 161 6.28 6.71 7.02
CA GLY B 161 4.88 6.60 7.35
C GLY B 161 3.96 6.23 6.24
N PHE B 162 2.73 6.64 6.41
CA PHE B 162 1.75 6.42 5.39
C PHE B 162 0.88 7.66 5.16
N THR B 164 -3.13 8.45 3.47
CA THR B 164 -4.41 7.98 2.90
C THR B 164 -5.02 9.00 1.89
N LEU B 165 -5.86 8.47 1.03
CA LEU B 165 -6.51 9.20 -0.03
C LEU B 165 -7.90 8.70 -0.06
N ALA B 166 -8.89 9.57 -0.08
CA ALA B 166 -10.22 9.14 -0.52
C ALA B 166 -10.90 10.28 -1.24
N ILE B 167 -11.80 9.94 -2.15
CA ILE B 167 -12.54 10.90 -2.89
C ILE B 167 -13.82 11.27 -2.20
N SER B 168 -13.96 12.56 -1.89
CA SER B 168 -15.16 13.13 -1.27
C SER B 168 -16.47 12.85 -2.03
N ASP B 169 -16.59 13.35 -3.28
CA ASP B 169 -17.75 13.03 -4.14
C ASP B 169 -17.34 12.43 -5.50
N PRO B 170 -17.68 11.15 -5.75
CA PRO B 170 -17.29 10.49 -6.99
C PRO B 170 -17.80 11.14 -8.26
N ASN B 171 -18.83 11.98 -8.18
CA ASN B 171 -19.38 12.61 -9.38
C ASN B 171 -18.78 13.98 -9.59
N GLN B 172 -18.39 14.59 -8.48
CA GLN B 172 -17.74 15.88 -8.50
C GLN B 172 -16.51 15.87 -9.41
N ARG B 173 -16.40 16.89 -10.23
CA ARG B 173 -15.36 16.95 -11.24
C ARG B 173 -14.77 18.35 -11.23
N PRO B 174 -13.44 18.46 -11.23
CA PRO B 174 -12.48 17.36 -11.03
C PRO B 174 -12.58 16.84 -9.63
N PRO B 175 -11.99 15.68 -9.36
CA PRO B 175 -12.13 15.14 -8.00
C PRO B 175 -11.39 15.94 -6.97
N HIS B 176 -11.91 15.94 -5.75
CA HIS B 176 -11.13 16.38 -4.58
C HIS B 176 -10.83 15.14 -3.70
N TYR B 177 -9.61 15.05 -3.20
CA TYR B 177 -9.22 13.95 -2.34
C TYR B 177 -9.08 14.41 -0.94
N SER B 178 -9.68 13.69 0.00
CA SER B 178 -9.31 13.88 1.42
C SER B 178 -8.10 13.07 1.76
N VAL B 179 -7.20 13.72 2.45
CA VAL B 179 -5.86 13.21 2.64
C VAL B 179 -5.52 13.37 4.08
N GLN B 180 -4.78 12.37 4.58
CA GLN B 180 -4.05 12.48 5.84
C GLN B 180 -2.67 11.93 5.61
N VAL B 181 -1.72 12.43 6.37
CA VAL B 181 -0.36 11.96 6.32
C VAL B 181 0.08 11.84 7.77
N VAL B 182 0.63 10.70 8.15
CA VAL B 182 1.30 10.60 9.45
C VAL B 182 2.68 10.03 9.21
N LEU B 183 3.62 10.60 9.94
CA LEU B 183 5.05 10.43 9.70
C LEU B 183 5.80 10.25 11.01
N CYS B 184 6.46 9.10 11.15
CA CYS B 184 7.12 8.71 12.39
C CYS B 184 8.57 8.27 12.20
#